data_6RK6
#
_entry.id   6RK6
#
_cell.length_a   108.322
_cell.length_b   108.322
_cell.length_c   101.334
_cell.angle_alpha   90.00
_cell.angle_beta   90.00
_cell.angle_gamma   120.00
#
_symmetry.space_group_name_H-M   'P 31 2 1'
#
loop_
_entity.id
_entity.type
_entity.pdbx_description
1 polymer Oligoribonuclease
2 non-polymer 'MANGANESE (II) ION'
#
_entity_poly.entity_id   1
_entity_poly.type   'polypeptide(L)'
_entity_poly.pdbx_seq_one_letter_code
;VPQNPNVLVWMDLEMTGLDPEKDRIIEMATIITDGDLRTIAEGPVIVIHQKQELIDGMDEWNTRTHNKTGLVTKVKTSRV
TERQAEIETLDFIQRHTLKNRAPLCGNSICQDRRFLYKYMPELSEWLHYRNVDVSSFKEVARHWAPSILSGFEKRASHQA
LDDIKESIEELRYYRNNLILLDMN
;
_entity_poly.pdbx_strand_id   A,B,C
#
loop_
_chem_comp.id
_chem_comp.type
_chem_comp.name
_chem_comp.formula
MN non-polymer 'MANGANESE (II) ION' 'Mn 2'
#
# COMPACT_ATOMS: atom_id res chain seq x y z
N PRO A 5 17.08 -8.29 5.11
CA PRO A 5 16.40 -9.57 4.87
C PRO A 5 15.28 -9.47 3.84
N ASN A 6 14.00 -9.28 4.15
CA ASN A 6 13.13 -8.88 3.04
C ASN A 6 12.29 -7.72 3.51
N VAL A 7 12.99 -6.61 3.57
CA VAL A 7 12.50 -5.26 3.77
C VAL A 7 12.04 -4.67 2.44
N LEU A 8 11.30 -3.56 2.50
CA LEU A 8 10.77 -2.87 1.33
C LEU A 8 11.18 -1.40 1.40
N VAL A 9 11.58 -0.85 0.25
CA VAL A 9 11.90 0.56 0.14
C VAL A 9 10.76 1.27 -0.56
N TRP A 10 10.41 2.45 -0.07
CA TRP A 10 9.34 3.27 -0.64
C TRP A 10 9.94 4.60 -1.04
N MET A 11 9.57 5.08 -2.22
CA MET A 11 10.17 6.31 -2.73
C MET A 11 9.09 7.20 -3.31
N ASP A 12 9.33 8.51 -3.21
CA ASP A 12 8.49 9.53 -3.82
C ASP A 12 9.37 10.41 -4.69
N LEU A 13 9.02 10.53 -5.96
CA LEU A 13 9.79 11.29 -6.94
C LEU A 13 8.94 12.36 -7.57
N GLU A 14 9.49 13.57 -7.66
CA GLU A 14 8.90 14.66 -8.41
C GLU A 14 9.79 15.00 -9.59
N MET A 15 9.20 15.21 -10.75
CA MET A 15 9.98 15.44 -11.97
C MET A 15 9.45 16.67 -12.69
N THR A 16 10.27 17.20 -13.59
CA THR A 16 9.87 18.33 -14.41
C THR A 16 8.83 17.96 -15.46
N GLY A 17 8.54 16.67 -15.64
CA GLY A 17 7.59 16.20 -16.62
C GLY A 17 7.47 14.68 -16.66
N LEU A 18 7.10 14.13 -17.81
CA LEU A 18 6.92 12.68 -17.95
C LEU A 18 7.93 12.02 -18.87
N ASP A 19 8.46 12.74 -19.84
CA ASP A 19 9.39 12.19 -20.81
C ASP A 19 10.80 12.17 -20.22
N PRO A 20 11.36 10.99 -19.95
CA PRO A 20 12.71 10.94 -19.34
C PRO A 20 13.81 11.41 -20.27
N GLU A 21 13.58 11.43 -21.58
CA GLU A 21 14.61 11.91 -22.51
C GLU A 21 14.73 13.43 -22.46
N LYS A 22 13.70 14.13 -21.98
CA LYS A 22 13.72 15.58 -21.86
C LYS A 22 13.67 16.06 -20.41
N ASP A 23 12.95 15.36 -19.53
CA ASP A 23 12.70 15.81 -18.17
C ASP A 23 13.66 15.14 -17.19
N ARG A 24 13.65 15.67 -15.96
CA ARG A 24 14.60 15.26 -14.93
C ARG A 24 13.92 15.21 -13.57
N ILE A 25 14.64 14.66 -12.59
CA ILE A 25 14.19 14.53 -11.21
C ILE A 25 14.57 15.79 -10.45
N ILE A 26 13.69 16.25 -9.57
CA ILE A 26 13.97 17.48 -8.83
C ILE A 26 13.75 17.27 -7.33
N GLU A 27 13.09 16.19 -6.96
CA GLU A 27 12.89 15.87 -5.55
C GLU A 27 12.72 14.36 -5.40
N MET A 28 13.34 13.80 -4.36
CA MET A 28 13.23 12.39 -4.05
C MET A 28 13.25 12.21 -2.53
N ALA A 29 12.64 11.13 -2.07
CA ALA A 29 12.60 10.79 -0.65
C ALA A 29 12.41 9.29 -0.53
N THR A 30 12.88 8.71 0.58
CA THR A 30 12.88 7.28 0.77
C THR A 30 12.41 6.93 2.19
N ILE A 31 11.62 5.87 2.29
CA ILE A 31 11.22 5.28 3.58
C ILE A 31 11.31 3.77 3.45
N ILE A 32 11.84 3.12 4.47
CA ILE A 32 12.05 1.67 4.47
C ILE A 32 11.21 1.05 5.57
N THR A 33 10.32 0.14 5.18
CA THR A 33 9.52 -0.65 6.11
C THR A 33 9.92 -2.13 5.95
N ASP A 34 9.31 -2.98 6.77
CA ASP A 34 9.54 -4.41 6.66
C ASP A 34 8.37 -5.07 5.93
N GLY A 35 8.30 -6.40 6.03
CA GLY A 35 7.26 -7.12 5.32
C GLY A 35 5.85 -6.80 5.78
N ASP A 36 5.68 -6.43 7.04
CA ASP A 36 4.37 -6.14 7.61
C ASP A 36 4.14 -4.65 7.81
N LEU A 37 4.89 -3.82 7.10
CA LEU A 37 4.64 -2.38 6.91
C LEU A 37 4.96 -1.52 8.12
N ARG A 38 5.58 -2.07 9.16
CA ARG A 38 6.11 -1.23 10.23
C ARG A 38 7.41 -0.59 9.77
N THR A 39 7.50 0.73 9.87
CA THR A 39 8.59 1.46 9.25
C THR A 39 9.88 1.24 10.01
N ILE A 40 10.95 0.89 9.28
CA ILE A 40 12.25 0.69 9.91
C ILE A 40 12.97 2.02 10.08
N ALA A 41 13.00 2.86 9.05
CA ALA A 41 13.66 4.15 9.13
C ALA A 41 13.15 5.03 8.00
N GLU A 42 13.20 6.34 8.24
CA GLU A 42 12.86 7.34 7.24
C GLU A 42 14.13 7.93 6.65
N GLY A 43 14.13 8.13 5.34
CA GLY A 43 15.33 8.55 4.64
C GLY A 43 15.38 10.03 4.34
N PRO A 44 16.42 10.46 3.64
CA PRO A 44 16.59 11.89 3.36
C PRO A 44 15.59 12.40 2.33
N VAL A 45 15.36 13.71 2.38
CA VAL A 45 14.51 14.41 1.43
C VAL A 45 15.40 15.36 0.66
N ILE A 46 15.80 14.97 -0.55
CA ILE A 46 16.77 15.71 -1.34
C ILE A 46 16.05 16.47 -2.44
N VAL A 47 16.39 17.75 -2.60
CA VAL A 47 15.94 18.55 -3.73
C VAL A 47 17.11 18.72 -4.68
N ILE A 48 16.99 18.17 -5.88
CA ILE A 48 18.08 18.16 -6.85
C ILE A 48 18.00 19.43 -7.69
N HIS A 49 19.15 20.08 -7.88
CA HIS A 49 19.20 21.30 -8.67
C HIS A 49 19.23 20.97 -10.16
N GLN A 50 18.41 21.67 -10.92
CA GLN A 50 18.42 21.61 -12.38
C GLN A 50 18.61 23.02 -12.92
N LYS A 51 19.09 23.10 -14.16
CA LYS A 51 19.35 24.39 -14.77
C LYS A 51 18.08 25.22 -14.83
N GLN A 52 18.22 26.53 -14.62
CA GLN A 52 17.08 27.44 -14.68
C GLN A 52 16.40 27.41 -16.04
N GLU A 53 17.10 27.03 -17.09
CA GLU A 53 16.48 26.93 -18.41
C GLU A 53 15.48 25.79 -18.46
N LEU A 54 15.77 24.66 -17.79
CA LEU A 54 14.90 23.50 -17.86
C LEU A 54 13.56 23.77 -17.18
N ILE A 55 13.57 24.53 -16.08
CA ILE A 55 12.34 24.80 -15.35
C ILE A 55 11.40 25.69 -16.17
N ASP A 56 11.96 26.63 -16.95
CA ASP A 56 11.14 27.52 -17.74
C ASP A 56 10.41 26.83 -18.88
N GLY A 57 10.83 25.62 -19.23
CA GLY A 57 10.21 24.88 -20.31
C GLY A 57 9.10 23.93 -19.93
N MET A 58 8.80 23.83 -18.63
CA MET A 58 7.73 22.93 -18.19
C MET A 58 6.37 23.47 -18.62
N ASP A 59 5.42 22.54 -18.79
CA ASP A 59 4.09 22.89 -19.26
C ASP A 59 3.31 23.62 -18.16
N GLU A 60 2.06 23.97 -18.48
CA GLU A 60 1.16 24.56 -17.49
C GLU A 60 1.18 23.74 -16.20
N TRP A 61 0.91 22.44 -16.35
CA TRP A 61 0.55 21.59 -15.22
C TRP A 61 1.72 21.48 -14.26
N ASN A 62 2.87 21.10 -14.76
CA ASN A 62 4.03 20.95 -13.90
C ASN A 62 4.51 22.28 -13.35
N THR A 63 4.25 23.38 -14.07
CA THR A 63 4.62 24.70 -13.55
C THR A 63 3.64 25.16 -12.48
N ARG A 64 2.35 24.85 -12.64
CA ARG A 64 1.35 25.25 -11.65
C ARG A 64 1.58 24.54 -10.33
N THR A 65 1.74 23.22 -10.36
CA THR A 65 1.80 22.44 -9.13
C THR A 65 3.13 22.56 -8.43
N HIS A 66 4.24 22.64 -9.18
CA HIS A 66 5.54 22.75 -8.54
C HIS A 66 5.81 24.15 -7.98
N ASN A 67 5.19 25.19 -8.58
CA ASN A 67 5.24 26.52 -7.96
C ASN A 67 4.29 26.62 -6.78
N LYS A 68 3.22 25.82 -6.77
CA LYS A 68 2.26 25.84 -5.67
C LYS A 68 2.79 25.15 -4.42
N THR A 69 3.77 24.26 -4.56
CA THR A 69 4.36 23.57 -3.41
C THR A 69 5.69 24.17 -2.97
N GLY A 70 6.24 25.11 -3.72
CA GLY A 70 7.51 25.71 -3.36
C GLY A 70 8.73 24.91 -3.78
N LEU A 71 8.56 23.88 -4.61
CA LEU A 71 9.69 23.08 -5.05
C LEU A 71 10.58 23.86 -6.00
N VAL A 72 9.99 24.72 -6.84
CA VAL A 72 10.76 25.43 -7.86
C VAL A 72 11.81 26.32 -7.19
N THR A 73 11.42 27.04 -6.14
CA THR A 73 12.37 27.89 -5.44
C THR A 73 13.42 27.06 -4.70
N LYS A 74 13.05 25.87 -4.23
CA LYS A 74 14.02 24.98 -3.61
C LYS A 74 15.06 24.52 -4.63
N VAL A 75 14.62 24.20 -5.84
CA VAL A 75 15.54 23.76 -6.89
C VAL A 75 16.48 24.90 -7.27
N LYS A 76 15.96 26.14 -7.30
CA LYS A 76 16.79 27.28 -7.68
C LYS A 76 17.97 27.44 -6.73
N THR A 77 17.73 27.30 -5.43
CA THR A 77 18.76 27.53 -4.43
C THR A 77 19.52 26.26 -4.06
N SER A 78 19.16 25.11 -4.62
CA SER A 78 19.86 23.88 -4.30
C SER A 78 21.19 23.82 -5.04
N ARG A 79 22.17 23.20 -4.36
CA ARG A 79 23.53 22.94 -4.83
C ARG A 79 23.78 21.45 -5.07
N VAL A 80 22.76 20.61 -4.87
CA VAL A 80 22.93 19.16 -4.91
C VAL A 80 22.76 18.68 -6.35
N THR A 81 23.73 17.90 -6.82
CA THR A 81 23.65 17.31 -8.14
C THR A 81 22.97 15.94 -8.06
N GLU A 82 22.67 15.39 -9.24
CA GLU A 82 21.96 14.12 -9.31
C GLU A 82 22.82 12.99 -8.75
N ARG A 83 24.09 12.93 -9.16
CA ARG A 83 24.98 11.90 -8.62
C ARG A 83 25.13 12.03 -7.11
N GLN A 84 25.09 13.25 -6.59
CA GLN A 84 25.22 13.43 -5.14
C GLN A 84 23.96 12.94 -4.42
N ALA A 85 22.78 13.25 -4.95
CA ALA A 85 21.54 12.78 -4.35
C ALA A 85 21.46 11.26 -4.38
N GLU A 86 22.02 10.63 -5.41
CA GLU A 86 21.99 9.18 -5.51
C GLU A 86 22.84 8.54 -4.42
N ILE A 87 24.01 9.12 -4.14
CA ILE A 87 24.91 8.55 -3.13
C ILE A 87 24.30 8.64 -1.74
N GLU A 88 23.73 9.80 -1.39
CA GLU A 88 23.13 9.96 -0.07
C GLU A 88 21.92 9.06 0.09
N THR A 89 21.12 8.91 -0.96
CA THR A 89 19.98 8.01 -0.89
C THR A 89 20.43 6.55 -0.82
N LEU A 90 21.44 6.20 -1.63
CA LEU A 90 21.93 4.82 -1.62
C LEU A 90 22.67 4.49 -0.32
N ASP A 91 23.35 5.47 0.28
CA ASP A 91 23.96 5.24 1.59
C ASP A 91 22.91 4.93 2.64
N PHE A 92 21.74 5.56 2.54
CA PHE A 92 20.66 5.26 3.48
C PHE A 92 20.08 3.88 3.22
N ILE A 93 19.91 3.51 1.94
CA ILE A 93 19.31 2.22 1.61
C ILE A 93 20.26 1.09 1.99
N GLN A 94 21.55 1.24 1.67
CA GLN A 94 22.51 0.19 1.94
C GLN A 94 22.64 -0.13 3.42
N ARG A 95 22.26 0.81 4.30
CA ARG A 95 22.38 0.56 5.73
C ARG A 95 21.27 -0.37 6.25
N HIS A 96 20.11 -0.37 5.60
CA HIS A 96 18.96 -1.14 6.08
C HIS A 96 18.57 -2.29 5.19
N THR A 97 19.18 -2.44 4.02
CA THR A 97 18.82 -3.49 3.08
C THR A 97 20.06 -4.25 2.65
N LEU A 98 19.83 -5.43 2.09
CA LEU A 98 20.84 -6.17 1.35
C LEU A 98 20.62 -5.97 -0.13
N LYS A 99 21.67 -6.23 -0.92
CA LYS A 99 21.58 -5.98 -2.35
C LYS A 99 20.65 -6.96 -3.04
N ASN A 100 19.79 -6.44 -3.91
CA ASN A 100 18.86 -7.24 -4.72
C ASN A 100 17.92 -8.07 -3.85
N ARG A 101 17.45 -7.46 -2.76
CA ARG A 101 16.47 -8.10 -1.88
C ARG A 101 15.31 -7.21 -1.52
N ALA A 102 15.26 -5.98 -2.05
CA ALA A 102 14.23 -5.01 -1.66
C ALA A 102 13.55 -4.47 -2.91
N PRO A 103 12.24 -4.63 -3.04
CA PRO A 103 11.52 -4.09 -4.20
C PRO A 103 11.01 -2.67 -3.96
N LEU A 104 10.63 -2.02 -5.06
CA LEU A 104 10.04 -0.68 -4.97
C LEU A 104 8.56 -0.78 -4.61
N CYS A 105 8.07 0.25 -3.94
CA CYS A 105 6.67 0.28 -3.52
C CYS A 105 6.14 1.70 -3.63
N GLY A 106 4.87 1.82 -4.01
CA GLY A 106 4.23 3.11 -4.10
C GLY A 106 3.11 3.07 -5.11
N ASN A 107 2.69 4.26 -5.53
CA ASN A 107 1.64 4.40 -6.53
C ASN A 107 2.13 4.91 -7.87
N SER A 108 3.39 5.34 -7.97
CA SER A 108 3.97 5.77 -9.23
C SER A 108 5.07 4.81 -9.65
N ILE A 109 4.78 3.51 -9.62
CA ILE A 109 5.83 2.50 -9.75
C ILE A 109 6.51 2.59 -11.12
N CYS A 110 5.73 2.46 -12.20
CA CYS A 110 6.34 2.52 -13.53
C CYS A 110 6.91 3.90 -13.80
N GLN A 111 6.23 4.95 -13.35
CA GLN A 111 6.69 6.31 -13.61
C GLN A 111 7.99 6.60 -12.88
N ASP A 112 8.11 6.15 -11.63
CA ASP A 112 9.35 6.39 -10.89
C ASP A 112 10.50 5.55 -11.45
N ARG A 113 10.24 4.29 -11.78
CA ARG A 113 11.32 3.40 -12.19
C ARG A 113 11.88 3.74 -13.56
N ARG A 114 11.16 4.49 -14.39
CA ARG A 114 11.75 4.97 -15.64
C ARG A 114 12.89 5.93 -15.35
N PHE A 115 12.63 6.93 -14.52
CA PHE A 115 13.64 7.92 -14.17
C PHE A 115 14.75 7.32 -13.30
N LEU A 116 14.41 6.34 -12.46
CA LEU A 116 15.43 5.68 -11.64
C LEU A 116 16.40 4.89 -12.50
N TYR A 117 15.89 4.13 -13.47
CA TYR A 117 16.77 3.32 -14.31
C TYR A 117 17.68 4.17 -15.17
N LYS A 118 17.21 5.34 -15.61
CA LYS A 118 18.02 6.15 -16.52
C LYS A 118 18.99 7.04 -15.77
N TYR A 119 18.53 7.74 -14.74
CA TYR A 119 19.31 8.79 -14.12
C TYR A 119 20.07 8.34 -12.88
N MET A 120 19.73 7.19 -12.30
CA MET A 120 20.44 6.66 -11.13
C MET A 120 20.66 5.17 -11.30
N PRO A 121 21.62 4.79 -12.15
CA PRO A 121 21.81 3.36 -12.43
C PRO A 121 22.34 2.58 -11.24
N GLU A 122 23.19 3.18 -10.40
CA GLU A 122 23.76 2.43 -9.28
C GLU A 122 22.70 2.14 -8.24
N LEU A 123 21.77 3.08 -8.01
CA LEU A 123 20.66 2.81 -7.11
C LEU A 123 19.74 1.74 -7.66
N SER A 124 19.47 1.79 -8.98
CA SER A 124 18.51 0.87 -9.56
C SER A 124 19.01 -0.57 -9.58
N GLU A 125 20.34 -0.76 -9.66
CA GLU A 125 20.89 -2.11 -9.62
C GLU A 125 20.99 -2.66 -8.21
N TRP A 126 21.01 -1.80 -7.19
CA TRP A 126 20.98 -2.28 -5.82
C TRP A 126 19.58 -2.72 -5.42
N LEU A 127 18.55 -2.07 -5.95
CA LEU A 127 17.18 -2.49 -5.71
C LEU A 127 16.87 -3.79 -6.44
N HIS A 128 15.95 -4.56 -5.89
CA HIS A 128 15.47 -5.74 -6.58
C HIS A 128 14.58 -5.33 -7.75
N TYR A 129 14.49 -6.20 -8.76
CA TYR A 129 13.76 -5.79 -9.96
C TYR A 129 12.25 -5.73 -9.74
N ARG A 130 11.73 -6.38 -8.70
CA ARG A 130 10.29 -6.47 -8.53
C ARG A 130 9.73 -5.19 -7.92
N ASN A 131 8.41 -5.09 -7.94
CA ASN A 131 7.71 -3.93 -7.42
C ASN A 131 6.49 -4.39 -6.65
N VAL A 132 5.95 -3.50 -5.83
CA VAL A 132 4.66 -3.69 -5.17
C VAL A 132 3.81 -2.47 -5.52
N ASP A 133 2.96 -2.62 -6.52
CA ASP A 133 2.12 -1.52 -7.01
C ASP A 133 0.88 -1.44 -6.14
N VAL A 134 0.84 -0.44 -5.25
CA VAL A 134 -0.33 -0.23 -4.42
C VAL A 134 -1.56 0.08 -5.27
N SER A 135 -1.36 0.75 -6.41
CA SER A 135 -2.48 1.08 -7.28
C SER A 135 -3.12 -0.16 -7.89
N SER A 136 -2.36 -1.26 -8.02
CA SER A 136 -2.93 -2.48 -8.57
C SER A 136 -3.91 -3.15 -7.62
N PHE A 137 -3.80 -2.87 -6.33
CA PHE A 137 -4.73 -3.41 -5.35
C PHE A 137 -6.03 -2.61 -5.31
N LYS A 138 -5.96 -1.30 -5.56
CA LYS A 138 -7.17 -0.49 -5.59
C LYS A 138 -8.03 -0.83 -6.81
N GLU A 139 -7.39 -1.09 -7.96
CA GLU A 139 -8.16 -1.47 -9.14
C GLU A 139 -8.75 -2.87 -9.00
N VAL A 140 -8.04 -3.76 -8.29
CA VAL A 140 -8.58 -5.10 -8.05
C VAL A 140 -9.74 -5.03 -7.06
N ALA A 141 -9.61 -4.20 -6.02
CA ALA A 141 -10.68 -4.07 -5.03
C ALA A 141 -11.93 -3.47 -5.63
N ARG A 142 -11.83 -2.75 -6.75
CA ARG A 142 -13.01 -2.18 -7.38
C ARG A 142 -13.93 -3.27 -7.90
N HIS A 143 -13.38 -4.42 -8.31
CA HIS A 143 -14.17 -5.50 -8.89
C HIS A 143 -14.51 -6.59 -7.90
N TRP A 144 -13.65 -6.86 -6.92
CA TRP A 144 -13.79 -8.04 -6.09
C TRP A 144 -14.27 -7.76 -4.68
N ALA A 145 -13.97 -6.58 -4.12
CA ALA A 145 -14.45 -6.21 -2.79
C ALA A 145 -14.66 -4.70 -2.72
N PRO A 146 -15.67 -4.19 -3.45
CA PRO A 146 -15.92 -2.74 -3.41
C PRO A 146 -16.39 -2.24 -2.06
N SER A 147 -16.92 -3.12 -1.21
CA SER A 147 -17.40 -2.71 0.10
C SER A 147 -16.26 -2.21 0.98
N ILE A 148 -15.03 -2.61 0.67
CA ILE A 148 -13.88 -2.26 1.49
C ILE A 148 -13.53 -0.78 1.32
N LEU A 149 -13.68 -0.26 0.09
CA LEU A 149 -13.05 1.01 -0.26
C LEU A 149 -13.65 2.20 0.48
N SER A 150 -14.92 2.10 0.89
CA SER A 150 -15.54 3.23 1.57
C SER A 150 -14.86 3.55 2.90
N GLY A 151 -14.24 2.55 3.51
CA GLY A 151 -13.59 2.71 4.80
C GLY A 151 -12.20 3.30 4.78
N PHE A 152 -11.72 3.76 3.63
CA PHE A 152 -10.42 4.41 3.54
C PHE A 152 -10.55 5.78 2.89
N GLU A 153 -9.93 6.78 3.49
CA GLU A 153 -9.88 8.12 2.93
C GLU A 153 -8.42 8.57 2.88
N LYS A 154 -7.90 8.78 1.67
CA LYS A 154 -6.57 9.34 1.53
C LYS A 154 -6.56 10.75 2.11
N ARG A 155 -5.61 11.01 2.99
CA ARG A 155 -5.55 12.29 3.69
C ARG A 155 -4.65 13.27 2.94
N ALA A 156 -4.78 14.54 3.31
CA ALA A 156 -3.98 15.58 2.67
C ALA A 156 -2.51 15.33 2.95
N SER A 157 -1.68 15.56 1.93
CA SER A 157 -0.23 15.35 2.04
C SER A 157 0.49 16.48 1.34
N HIS A 158 1.44 17.10 2.03
CA HIS A 158 2.15 18.28 1.56
C HIS A 158 3.63 18.05 1.36
N GLN A 159 4.28 17.32 2.27
CA GLN A 159 5.69 16.99 2.11
C GLN A 159 5.85 15.71 1.31
N ALA A 160 7.11 15.41 0.99
CA ALA A 160 7.42 14.18 0.27
C ALA A 160 7.26 12.97 1.17
N LEU A 161 7.69 13.08 2.43
CA LEU A 161 7.61 11.94 3.34
C LEU A 161 6.15 11.62 3.67
N ASP A 162 5.31 12.65 3.78
CA ASP A 162 3.89 12.43 4.05
C ASP A 162 3.20 11.80 2.85
N ASP A 163 3.70 12.06 1.64
CA ASP A 163 3.17 11.37 0.48
C ASP A 163 3.47 9.88 0.55
N ILE A 164 4.68 9.51 1.00
CA ILE A 164 5.05 8.11 1.13
C ILE A 164 4.23 7.44 2.21
N LYS A 165 4.02 8.12 3.34
CA LYS A 165 3.23 7.55 4.42
C LYS A 165 1.81 7.22 3.96
N GLU A 166 1.18 8.12 3.20
CA GLU A 166 -0.18 7.89 2.74
C GLU A 166 -0.27 6.70 1.80
N SER A 167 0.81 6.38 1.09
CA SER A 167 0.82 5.16 0.27
C SER A 167 0.98 3.93 1.14
N ILE A 168 1.83 4.00 2.16
CA ILE A 168 2.00 2.88 3.08
C ILE A 168 0.70 2.61 3.83
N GLU A 169 0.04 3.68 4.28
CA GLU A 169 -1.24 3.51 4.97
C GLU A 169 -2.29 2.90 4.06
N GLU A 170 -2.24 3.24 2.76
CA GLU A 170 -3.19 2.64 1.82
C GLU A 170 -2.96 1.14 1.71
N LEU A 171 -1.70 0.70 1.76
CA LEU A 171 -1.41 -0.73 1.70
C LEU A 171 -1.71 -1.43 3.03
N ARG A 172 -1.54 -0.72 4.16
CA ARG A 172 -2.00 -1.26 5.44
C ARG A 172 -3.46 -1.67 5.37
N TYR A 173 -4.29 -0.78 4.82
CA TYR A 173 -5.73 -1.02 4.77
C TYR A 173 -6.06 -2.22 3.89
N TYR A 174 -5.39 -2.34 2.74
CA TYR A 174 -5.57 -3.54 1.93
C TYR A 174 -5.08 -4.78 2.66
N ARG A 175 -4.02 -4.64 3.45
CA ARG A 175 -3.49 -5.78 4.20
C ARG A 175 -4.49 -6.26 5.25
N ASN A 176 -5.05 -5.33 6.01
CA ASN A 176 -5.92 -5.67 7.14
C ASN A 176 -7.37 -5.88 6.76
N ASN A 177 -7.77 -5.58 5.52
CA ASN A 177 -9.16 -5.69 5.09
C ASN A 177 -9.37 -6.51 3.84
N LEU A 178 -8.38 -6.62 2.95
CA LEU A 178 -8.56 -7.28 1.66
C LEU A 178 -7.90 -8.64 1.56
N ILE A 179 -6.91 -8.94 2.41
CA ILE A 179 -6.05 -10.11 2.21
C ILE A 179 -6.22 -11.10 3.36
N LEU A 180 -5.57 -12.27 3.24
CA LEU A 180 -5.81 -13.41 4.12
C LEU A 180 -4.46 -14.00 4.53
N LEU A 181 -4.34 -14.37 5.81
CA LEU A 181 -3.11 -14.95 6.36
C LEU A 181 -2.94 -16.42 5.95
N PRO B 5 9.77 -3.58 31.57
CA PRO B 5 10.07 -3.58 33.01
C PRO B 5 8.83 -3.31 33.87
N ASN B 6 8.55 -2.00 34.01
CA ASN B 6 7.59 -1.39 34.92
C ASN B 6 6.48 -0.60 34.22
N VAL B 7 6.16 -0.95 32.97
CA VAL B 7 5.35 -0.09 32.11
C VAL B 7 3.88 -0.38 32.34
N LEU B 8 3.03 0.53 31.85
CA LEU B 8 1.58 0.42 31.97
C LEU B 8 0.95 0.55 30.59
N VAL B 9 -0.06 -0.28 30.31
CA VAL B 9 -0.81 -0.19 29.08
C VAL B 9 -2.17 0.45 29.38
N TRP B 10 -2.60 1.33 28.49
CA TRP B 10 -3.86 2.03 28.61
C TRP B 10 -4.70 1.70 27.38
N MET B 11 -5.98 1.40 27.59
CA MET B 11 -6.82 0.99 26.47
C MET B 11 -8.16 1.71 26.54
N ASP B 12 -8.73 1.94 25.36
CA ASP B 12 -10.07 2.50 25.21
C ASP B 12 -10.88 1.56 24.34
N LEU B 13 -12.02 1.10 24.85
CA LEU B 13 -12.86 0.14 24.15
C LEU B 13 -14.27 0.71 23.99
N GLU B 14 -14.80 0.57 22.78
CA GLU B 14 -16.19 0.87 22.50
C GLU B 14 -16.91 -0.41 22.13
N MET B 15 -18.12 -0.60 22.66
CA MET B 15 -18.85 -1.84 22.46
C MET B 15 -20.28 -1.53 22.02
N THR B 16 -20.93 -2.54 21.46
CA THR B 16 -22.32 -2.41 21.06
C THR B 16 -23.27 -2.36 22.25
N GLY B 17 -22.78 -2.61 23.46
CA GLY B 17 -23.60 -2.59 24.67
C GLY B 17 -22.81 -2.95 25.91
N LEU B 18 -23.48 -3.50 26.93
CA LEU B 18 -22.84 -3.85 28.19
C LEU B 18 -22.76 -5.34 28.47
N ASP B 19 -23.69 -6.12 27.92
CA ASP B 19 -23.74 -7.56 28.16
C ASP B 19 -22.77 -8.28 27.24
N PRO B 20 -21.69 -8.86 27.76
CA PRO B 20 -20.71 -9.52 26.88
C PRO B 20 -21.25 -10.79 26.22
N GLU B 21 -22.31 -11.40 26.75
CA GLU B 21 -22.88 -12.58 26.11
C GLU B 21 -23.66 -12.23 24.86
N LYS B 22 -24.08 -10.97 24.71
CA LYS B 22 -24.81 -10.51 23.55
C LYS B 22 -24.04 -9.48 22.73
N ASP B 23 -23.27 -8.61 23.36
CA ASP B 23 -22.60 -7.49 22.71
C ASP B 23 -21.15 -7.81 22.40
N ARG B 24 -20.54 -6.94 21.59
CA ARG B 24 -19.20 -7.14 21.07
C ARG B 24 -18.42 -5.84 21.03
N ILE B 25 -17.13 -5.95 20.76
CA ILE B 25 -16.20 -4.83 20.65
C ILE B 25 -16.21 -4.32 19.22
N ILE B 26 -16.16 -3.00 19.06
CA ILE B 26 -16.20 -2.42 17.70
C ILE B 26 -15.06 -1.44 17.50
N GLU B 27 -14.42 -1.01 18.59
CA GLU B 27 -13.28 -0.11 18.49
C GLU B 27 -12.38 -0.30 19.70
N MET B 28 -11.07 -0.30 19.46
CA MET B 28 -10.08 -0.43 20.52
C MET B 28 -8.86 0.40 20.16
N ALA B 29 -8.13 0.85 21.18
CA ALA B 29 -6.92 1.62 21.01
C ALA B 29 -6.05 1.43 22.23
N THR B 30 -4.73 1.57 22.06
CA THR B 30 -3.77 1.29 23.12
C THR B 30 -2.72 2.39 23.19
N ILE B 31 -2.34 2.76 24.41
CA ILE B 31 -1.21 3.66 24.66
C ILE B 31 -0.42 3.10 25.83
N ILE B 32 0.91 3.14 25.72
CA ILE B 32 1.79 2.57 26.73
C ILE B 32 2.64 3.70 27.31
N THR B 33 2.54 3.89 28.62
CA THR B 33 3.38 4.81 29.37
C THR B 33 4.24 4.02 30.36
N ASP B 34 5.09 4.73 31.09
CA ASP B 34 5.91 4.09 32.11
C ASP B 34 5.31 4.37 33.49
N GLY B 35 6.10 4.12 34.54
CA GLY B 35 5.60 4.27 35.89
C GLY B 35 5.23 5.70 36.25
N ASP B 36 5.89 6.68 35.63
CA ASP B 36 5.65 8.08 35.93
C ASP B 36 4.87 8.80 34.83
N LEU B 37 4.16 8.03 34.00
CA LEU B 37 3.11 8.50 33.09
C LEU B 37 3.64 9.23 31.86
N ARG B 38 4.95 9.22 31.60
CA ARG B 38 5.46 9.69 30.32
C ARG B 38 5.24 8.61 29.28
N THR B 39 4.60 8.96 28.17
CA THR B 39 4.14 7.97 27.21
C THR B 39 5.31 7.38 26.44
N ILE B 40 5.36 6.06 26.38
CA ILE B 40 6.43 5.39 25.64
C ILE B 40 6.08 5.30 24.16
N ALA B 41 4.85 4.91 23.82
CA ALA B 41 4.43 4.82 22.43
C ALA B 41 2.91 4.77 22.38
N GLU B 42 2.37 5.23 21.26
CA GLU B 42 0.94 5.18 20.99
C GLU B 42 0.65 4.03 20.03
N GLY B 43 -0.43 3.29 20.31
CA GLY B 43 -0.73 2.09 19.56
C GLY B 43 -1.78 2.29 18.48
N PRO B 44 -2.14 1.20 17.82
CA PRO B 44 -3.09 1.30 16.70
C PRO B 44 -4.51 1.59 17.17
N VAL B 45 -5.30 2.15 16.26
CA VAL B 45 -6.72 2.43 16.48
C VAL B 45 -7.49 1.55 15.51
N ILE B 46 -8.00 0.42 15.99
CA ILE B 46 -8.64 -0.58 15.14
C ILE B 46 -10.15 -0.50 15.30
N VAL B 47 -10.86 -0.48 14.18
CA VAL B 47 -12.32 -0.59 14.16
C VAL B 47 -12.67 -2.00 13.71
N ILE B 48 -13.29 -2.77 14.59
CA ILE B 48 -13.59 -4.17 14.32
C ILE B 48 -14.95 -4.26 13.65
N HIS B 49 -15.04 -5.07 12.59
CA HIS B 49 -16.28 -5.24 11.87
C HIS B 49 -17.18 -6.24 12.59
N GLN B 50 -18.45 -5.87 12.74
CA GLN B 50 -19.47 -6.77 13.24
C GLN B 50 -20.61 -6.85 12.22
N LYS B 51 -21.38 -7.93 12.30
CA LYS B 51 -22.46 -8.13 11.35
C LYS B 51 -23.45 -6.97 11.41
N GLN B 52 -23.98 -6.60 10.25
CA GLN B 52 -24.96 -5.52 10.18
C GLN B 52 -26.21 -5.81 11.00
N GLU B 53 -26.51 -7.08 11.27
CA GLU B 53 -27.65 -7.42 12.10
C GLU B 53 -27.42 -7.00 13.55
N LEU B 54 -26.18 -7.15 14.04
CA LEU B 54 -25.90 -6.85 15.45
C LEU B 54 -26.05 -5.35 15.74
N ILE B 55 -25.67 -4.50 14.79
CA ILE B 55 -25.75 -3.06 15.00
C ILE B 55 -27.19 -2.60 15.08
N ASP B 56 -28.09 -3.22 14.31
CA ASP B 56 -29.50 -2.82 14.30
C ASP B 56 -30.21 -3.15 15.61
N GLY B 57 -29.62 -4.00 16.44
CA GLY B 57 -30.23 -4.39 17.69
C GLY B 57 -29.82 -3.57 18.90
N MET B 58 -28.93 -2.60 18.73
CA MET B 58 -28.50 -1.79 19.85
C MET B 58 -29.63 -0.87 20.31
N ASP B 59 -29.58 -0.50 21.59
CA ASP B 59 -30.62 0.33 22.19
C ASP B 59 -30.52 1.77 21.69
N GLU B 60 -31.42 2.62 22.20
CA GLU B 60 -31.35 4.05 21.90
C GLU B 60 -29.94 4.58 22.12
N TRP B 61 -29.37 4.32 23.29
CA TRP B 61 -28.28 5.13 23.80
C TRP B 61 -26.89 4.66 23.33
N ASN B 62 -26.76 3.42 22.79
CA ASN B 62 -25.61 3.01 22.00
C ASN B 62 -25.78 3.35 20.52
N THR B 63 -27.02 3.42 20.04
CA THR B 63 -27.24 3.82 18.66
C THR B 63 -27.09 5.32 18.47
N ARG B 64 -27.50 6.11 19.47
CA ARG B 64 -27.37 7.56 19.37
C ARG B 64 -25.91 7.99 19.37
N THR B 65 -25.14 7.47 20.32
CA THR B 65 -23.77 7.95 20.51
C THR B 65 -22.81 7.38 19.46
N HIS B 66 -23.00 6.13 19.04
CA HIS B 66 -22.11 5.56 18.05
C HIS B 66 -22.40 6.08 16.64
N ASN B 67 -23.64 6.47 16.35
CA ASN B 67 -23.93 7.16 15.10
C ASN B 67 -23.47 8.61 15.14
N LYS B 68 -23.41 9.21 16.34
CA LYS B 68 -22.97 10.59 16.49
C LYS B 68 -21.46 10.75 16.32
N THR B 69 -20.69 9.68 16.54
CA THR B 69 -19.24 9.73 16.38
C THR B 69 -18.76 9.16 15.07
N GLY B 70 -19.64 8.55 14.28
CA GLY B 70 -19.23 7.96 13.02
C GLY B 70 -18.64 6.57 13.12
N LEU B 71 -18.73 5.93 14.28
CA LEU B 71 -18.18 4.59 14.43
C LEU B 71 -18.99 3.57 13.65
N VAL B 72 -20.31 3.75 13.58
CA VAL B 72 -21.17 2.75 12.93
C VAL B 72 -20.79 2.60 11.45
N THR B 73 -20.57 3.72 10.77
CA THR B 73 -20.18 3.65 9.37
C THR B 73 -18.77 3.08 9.21
N LYS B 74 -17.90 3.31 10.19
CA LYS B 74 -16.57 2.71 10.15
C LYS B 74 -16.67 1.18 10.28
N VAL B 75 -17.55 0.71 11.17
CA VAL B 75 -17.73 -0.73 11.34
C VAL B 75 -18.31 -1.35 10.08
N LYS B 76 -19.22 -0.64 9.41
CA LYS B 76 -19.83 -1.17 8.20
C LYS B 76 -18.79 -1.46 7.13
N THR B 77 -17.84 -0.55 6.94
CA THR B 77 -16.84 -0.68 5.88
C THR B 77 -15.57 -1.37 6.33
N SER B 78 -15.47 -1.75 7.61
CA SER B 78 -14.28 -2.42 8.10
C SER B 78 -14.28 -3.89 7.66
N ARG B 79 -13.13 -4.48 7.43
CA ARG B 79 -13.17 -5.93 7.27
C ARG B 79 -12.25 -6.62 8.26
N VAL B 80 -11.76 -5.86 9.25
CA VAL B 80 -10.92 -6.41 10.31
C VAL B 80 -11.77 -7.27 11.23
N THR B 81 -11.32 -8.50 11.47
CA THR B 81 -11.99 -9.38 12.41
C THR B 81 -11.40 -9.20 13.81
N GLU B 82 -12.08 -9.82 14.79
CA GLU B 82 -11.66 -9.68 16.18
C GLU B 82 -10.30 -10.31 16.42
N ARG B 83 -10.09 -11.53 15.90
CA ARG B 83 -8.79 -12.17 16.05
C ARG B 83 -7.69 -11.35 15.38
N GLN B 84 -8.00 -10.66 14.29
CA GLN B 84 -7.00 -9.84 13.62
C GLN B 84 -6.65 -8.61 14.43
N ALA B 85 -7.67 -7.95 15.00
CA ALA B 85 -7.42 -6.78 15.83
C ALA B 85 -6.62 -7.16 17.07
N GLU B 86 -6.81 -8.37 17.59
CA GLU B 86 -6.07 -8.81 18.77
C GLU B 86 -4.60 -8.97 18.45
N ILE B 87 -4.27 -9.53 17.28
CA ILE B 87 -2.87 -9.77 16.93
C ILE B 87 -2.13 -8.45 16.73
N GLU B 88 -2.74 -7.50 16.01
CA GLU B 88 -2.08 -6.21 15.78
C GLU B 88 -1.91 -5.44 17.08
N THR B 89 -2.90 -5.51 17.98
CA THR B 89 -2.76 -4.86 19.27
C THR B 89 -1.72 -5.56 20.14
N LEU B 90 -1.73 -6.90 20.13
CA LEU B 90 -0.77 -7.64 20.93
C LEU B 90 0.64 -7.52 20.37
N ASP B 91 0.79 -7.40 19.05
CA ASP B 91 2.11 -7.16 18.47
C ASP B 91 2.66 -5.82 18.95
N PHE B 92 1.80 -4.82 19.11
CA PHE B 92 2.26 -3.53 19.63
C PHE B 92 2.63 -3.63 21.10
N ILE B 93 1.83 -4.35 21.89
CA ILE B 93 2.10 -4.46 23.32
C ILE B 93 3.37 -5.26 23.57
N GLN B 94 3.52 -6.38 22.86
CA GLN B 94 4.68 -7.24 23.08
C GLN B 94 6.00 -6.55 22.77
N ARG B 95 5.97 -5.48 21.97
CA ARG B 95 7.22 -4.78 21.64
C ARG B 95 7.70 -3.90 22.78
N HIS B 96 6.79 -3.40 23.62
CA HIS B 96 7.15 -2.45 24.67
C HIS B 96 6.99 -3.01 26.08
N THR B 97 6.45 -4.21 26.24
CA THR B 97 6.21 -4.78 27.55
C THR B 97 6.81 -6.19 27.61
N LEU B 98 6.97 -6.68 28.84
CA LEU B 98 7.23 -8.07 29.11
C LEU B 98 5.92 -8.74 29.56
N LYS B 99 5.89 -10.07 29.45
CA LYS B 99 4.66 -10.78 29.76
C LYS B 99 4.36 -10.76 31.26
N ASN B 100 3.10 -10.49 31.59
CA ASN B 100 2.61 -10.49 32.98
C ASN B 100 3.36 -9.48 33.84
N ARG B 101 3.66 -8.32 33.27
CA ARG B 101 4.30 -7.24 34.01
C ARG B 101 3.61 -5.89 33.83
N ALA B 102 2.52 -5.83 33.07
CA ALA B 102 1.88 -4.56 32.74
C ALA B 102 0.39 -4.63 33.10
N PRO B 103 -0.10 -3.77 33.97
CA PRO B 103 -1.53 -3.77 34.30
C PRO B 103 -2.34 -2.85 33.39
N LEU B 104 -3.66 -3.04 33.45
CA LEU B 104 -4.57 -2.17 32.70
C LEU B 104 -4.81 -0.87 33.46
N CYS B 105 -5.08 0.20 32.70
CA CYS B 105 -5.31 1.50 33.30
C CYS B 105 -6.39 2.23 32.51
N GLY B 106 -7.21 3.00 33.22
CA GLY B 106 -8.24 3.78 32.59
C GLY B 106 -9.38 4.01 33.56
N ASN B 107 -10.52 4.40 33.00
CA ASN B 107 -11.73 4.66 33.78
C ASN B 107 -12.82 3.62 33.54
N SER B 108 -12.66 2.73 32.57
CA SER B 108 -13.61 1.66 32.33
C SER B 108 -12.97 0.31 32.62
N ILE B 109 -12.33 0.20 33.78
CA ILE B 109 -11.47 -0.95 34.04
C ILE B 109 -12.27 -2.25 34.05
N CYS B 110 -13.27 -2.35 34.92
CA CYS B 110 -14.06 -3.58 34.98
C CYS B 110 -14.83 -3.80 33.68
N GLN B 111 -15.35 -2.72 33.09
CA GLN B 111 -16.13 -2.85 31.87
C GLN B 111 -15.27 -3.32 30.71
N ASP B 112 -14.05 -2.79 30.59
CA ASP B 112 -13.18 -3.21 29.49
C ASP B 112 -12.70 -4.65 29.70
N ARG B 113 -12.32 -5.00 30.93
CA ARG B 113 -11.71 -6.30 31.17
C ARG B 113 -12.71 -7.45 31.05
N ARG B 114 -14.01 -7.19 31.12
CA ARG B 114 -14.97 -8.25 30.84
C ARG B 114 -14.87 -8.68 29.38
N PHE B 115 -14.92 -7.71 28.47
CA PHE B 115 -14.85 -7.99 27.04
C PHE B 115 -13.46 -8.47 26.64
N LEU B 116 -12.42 -7.99 27.32
CA LEU B 116 -11.07 -8.45 27.02
C LEU B 116 -10.89 -9.92 27.38
N TYR B 117 -11.37 -10.32 28.56
CA TYR B 117 -11.19 -11.70 28.99
C TYR B 117 -11.97 -12.68 28.12
N LYS B 118 -13.12 -12.26 27.59
CA LYS B 118 -13.96 -13.18 26.84
C LYS B 118 -13.53 -13.24 25.37
N TYR B 119 -13.36 -12.07 24.75
CA TYR B 119 -13.19 -12.00 23.30
C TYR B 119 -11.74 -11.97 22.83
N MET B 120 -10.79 -11.68 23.73
CA MET B 120 -9.37 -11.66 23.39
C MET B 120 -8.57 -12.35 24.49
N PRO B 121 -8.61 -13.68 24.54
CA PRO B 121 -7.94 -14.39 25.64
C PRO B 121 -6.44 -14.29 25.58
N GLU B 122 -5.84 -14.27 24.37
CA GLU B 122 -4.38 -14.24 24.29
C GLU B 122 -3.83 -12.90 24.75
N LEU B 123 -4.55 -11.80 24.46
CA LEU B 123 -4.15 -10.50 24.96
C LEU B 123 -4.30 -10.43 26.47
N SER B 124 -5.39 -10.99 27.00
CA SER B 124 -5.66 -10.87 28.43
C SER B 124 -4.67 -11.66 29.27
N GLU B 125 -4.13 -12.76 28.74
CA GLU B 125 -3.14 -13.52 29.48
C GLU B 125 -1.74 -12.91 29.39
N TRP B 126 -1.48 -12.08 28.38
CA TRP B 126 -0.20 -11.38 28.33
C TRP B 126 -0.18 -10.20 29.29
N LEU B 127 -1.33 -9.56 29.52
CA LEU B 127 -1.44 -8.50 30.51
C LEU B 127 -1.35 -9.06 31.92
N HIS B 128 -0.85 -8.24 32.84
CA HIS B 128 -0.87 -8.63 34.24
C HIS B 128 -2.30 -8.53 34.77
N TYR B 129 -2.59 -9.30 35.82
CA TYR B 129 -3.97 -9.35 36.29
C TYR B 129 -4.41 -8.06 36.98
N ARG B 130 -3.47 -7.23 37.43
CA ARG B 130 -3.83 -6.07 38.22
C ARG B 130 -4.31 -4.93 37.33
N ASN B 131 -4.88 -3.92 37.97
CA ASN B 131 -5.41 -2.75 37.28
C ASN B 131 -5.03 -1.51 38.05
N VAL B 132 -5.14 -0.36 37.38
CA VAL B 132 -5.02 0.95 38.00
C VAL B 132 -6.29 1.71 37.62
N ASP B 133 -7.27 1.72 38.53
CA ASP B 133 -8.55 2.37 38.29
C ASP B 133 -8.43 3.85 38.60
N VAL B 134 -8.35 4.68 37.56
CA VAL B 134 -8.30 6.12 37.76
C VAL B 134 -9.55 6.61 38.45
N SER B 135 -10.70 5.98 38.19
CA SER B 135 -11.94 6.39 38.82
C SER B 135 -11.92 6.18 40.33
N SER B 136 -11.13 5.22 40.82
CA SER B 136 -11.05 4.98 42.25
C SER B 136 -10.35 6.11 42.99
N PHE B 137 -9.50 6.87 42.29
CA PHE B 137 -8.83 8.02 42.90
C PHE B 137 -9.73 9.24 42.96
N LYS B 138 -10.63 9.39 42.00
CA LYS B 138 -11.57 10.51 42.03
C LYS B 138 -12.59 10.34 43.15
N GLU B 139 -13.05 9.11 43.38
CA GLU B 139 -13.99 8.88 44.46
C GLU B 139 -13.31 9.02 45.82
N VAL B 140 -12.03 8.67 45.91
CA VAL B 140 -11.30 8.85 47.16
C VAL B 140 -11.04 10.33 47.41
N ALA B 141 -10.69 11.08 46.36
CA ALA B 141 -10.44 12.50 46.51
C ALA B 141 -11.69 13.27 46.92
N ARG B 142 -12.88 12.72 46.66
CA ARG B 142 -14.11 13.39 47.07
C ARG B 142 -14.22 13.49 48.58
N HIS B 143 -13.67 12.50 49.30
CA HIS B 143 -13.78 12.46 50.76
C HIS B 143 -12.56 13.01 51.47
N TRP B 144 -11.37 12.86 50.90
CA TRP B 144 -10.13 13.14 51.63
C TRP B 144 -9.45 14.43 51.20
N ALA B 145 -9.59 14.84 49.95
CA ALA B 145 -9.00 16.10 49.48
C ALA B 145 -9.88 16.72 48.41
N PRO B 146 -11.07 17.19 48.79
CA PRO B 146 -11.96 17.79 47.78
C PRO B 146 -11.43 19.10 47.21
N SER B 147 -10.50 19.76 47.90
CA SER B 147 -9.95 21.02 47.41
C SER B 147 -9.15 20.82 46.12
N ILE B 148 -8.69 19.59 45.88
CA ILE B 148 -7.86 19.31 44.71
C ILE B 148 -8.69 19.34 43.43
N LEU B 149 -9.94 18.87 43.51
CA LEU B 149 -10.68 18.53 42.29
C LEU B 149 -11.04 19.76 41.46
N SER B 150 -11.15 20.94 42.09
CA SER B 150 -11.53 22.13 41.32
C SER B 150 -10.48 22.49 40.28
N GLY B 151 -9.21 22.11 40.52
CA GLY B 151 -8.12 22.43 39.63
C GLY B 151 -7.95 21.53 38.43
N PHE B 152 -8.88 20.60 38.18
CA PHE B 152 -8.83 19.75 37.00
C PHE B 152 -10.13 19.84 36.23
N GLU B 153 -10.02 20.00 34.90
CA GLU B 153 -11.17 20.01 34.02
C GLU B 153 -10.91 18.99 32.92
N LYS B 154 -11.72 17.94 32.85
CA LYS B 154 -11.65 17.01 31.74
C LYS B 154 -12.02 17.72 30.46
N ARG B 155 -11.16 17.60 29.45
CA ARG B 155 -11.35 18.32 28.20
C ARG B 155 -12.12 17.48 27.20
N ALA B 156 -12.61 18.14 26.16
CA ALA B 156 -13.37 17.44 25.13
C ALA B 156 -12.47 16.42 24.44
N SER B 157 -13.04 15.25 24.15
CA SER B 157 -12.30 14.18 23.49
C SER B 157 -13.19 13.52 22.46
N HIS B 158 -12.66 13.39 21.23
CA HIS B 158 -13.42 12.90 20.09
C HIS B 158 -12.88 11.59 19.53
N GLN B 159 -11.56 11.44 19.46
CA GLN B 159 -10.96 10.19 19.00
C GLN B 159 -10.77 9.24 20.17
N ALA B 160 -10.36 8.02 19.83
CA ALA B 160 -10.08 7.02 20.85
C ALA B 160 -8.80 7.34 21.59
N LEU B 161 -7.77 7.79 20.86
CA LEU B 161 -6.49 8.09 21.51
C LEU B 161 -6.61 9.29 22.43
N ASP B 162 -7.43 10.28 22.04
CA ASP B 162 -7.63 11.45 22.88
C ASP B 162 -8.42 11.09 24.14
N ASP B 163 -9.27 10.07 24.06
CA ASP B 163 -9.92 9.57 25.26
C ASP B 163 -8.92 8.98 26.24
N ILE B 164 -7.94 8.24 25.72
CA ILE B 164 -6.92 7.65 26.57
C ILE B 164 -6.04 8.73 27.19
N LYS B 165 -5.68 9.75 26.41
CA LYS B 165 -4.85 10.83 26.93
C LYS B 165 -5.54 11.53 28.09
N GLU B 166 -6.84 11.80 27.97
CA GLU B 166 -7.55 12.50 29.04
C GLU B 166 -7.62 11.68 30.32
N SER B 167 -7.55 10.35 30.21
CA SER B 167 -7.46 9.52 31.42
C SER B 167 -6.06 9.57 32.02
N ILE B 168 -5.03 9.57 31.17
CA ILE B 168 -3.66 9.67 31.66
C ILE B 168 -3.43 11.02 32.31
N GLU B 169 -3.96 12.09 31.70
CA GLU B 169 -3.84 13.42 32.29
C GLU B 169 -4.56 13.49 33.63
N GLU B 170 -5.68 12.79 33.76
CA GLU B 170 -6.39 12.77 35.05
C GLU B 170 -5.53 12.13 36.13
N LEU B 171 -4.78 11.08 35.77
CA LEU B 171 -3.92 10.44 36.75
C LEU B 171 -2.66 11.26 37.02
N ARG B 172 -2.20 12.03 36.05
CA ARG B 172 -1.07 12.93 36.29
C ARG B 172 -1.43 13.97 37.34
N TYR B 173 -2.67 14.44 37.33
CA TYR B 173 -3.10 15.44 38.30
C TYR B 173 -3.20 14.84 39.70
N TYR B 174 -3.72 13.62 39.81
CA TYR B 174 -3.71 12.94 41.10
C TYR B 174 -2.29 12.65 41.56
N ARG B 175 -1.39 12.36 40.62
CA ARG B 175 0.00 12.09 40.99
C ARG B 175 0.67 13.34 41.56
N ASN B 176 0.50 14.48 40.90
CA ASN B 176 1.19 15.72 41.26
C ASN B 176 0.49 16.53 42.33
N ASN B 177 -0.74 16.16 42.71
CA ASN B 177 -1.51 16.94 43.68
C ASN B 177 -2.05 16.13 44.84
N LEU B 178 -2.27 14.82 44.68
CA LEU B 178 -2.91 14.01 45.71
C LEU B 178 -1.97 13.08 46.44
N ILE B 179 -0.81 12.75 45.87
CA ILE B 179 0.02 11.66 46.38
C ILE B 179 1.37 12.20 46.86
N LEU B 180 2.18 11.32 47.46
CA LEU B 180 3.39 11.70 48.20
C LEU B 180 4.52 10.77 47.80
N LEU B 181 5.74 11.32 47.83
CA LEU B 181 7.04 10.63 48.02
C LEU B 181 7.74 10.21 46.73
N PRO C 5 -17.93 -2.37 -20.23
CA PRO C 5 -18.23 -1.91 -18.86
C PRO C 5 -16.99 -1.90 -17.97
N ASN C 6 -16.77 -3.07 -17.37
CA ASN C 6 -15.80 -3.40 -16.34
C ASN C 6 -14.81 -4.47 -16.79
N VAL C 7 -14.37 -4.47 -18.04
CA VAL C 7 -13.58 -5.57 -18.56
C VAL C 7 -12.09 -5.25 -18.44
N LEU C 8 -11.25 -6.27 -18.59
CA LEU C 8 -9.80 -6.16 -18.51
C LEU C 8 -9.18 -6.73 -19.77
N VAL C 9 -8.15 -6.05 -20.30
CA VAL C 9 -7.40 -6.55 -21.44
C VAL C 9 -6.06 -7.08 -20.94
N TRP C 10 -5.64 -8.21 -21.49
CA TRP C 10 -4.38 -8.84 -21.15
C TRP C 10 -3.54 -8.95 -22.41
N MET C 11 -2.26 -8.62 -22.31
CA MET C 11 -1.41 -8.60 -23.48
C MET C 11 -0.09 -9.27 -23.19
N ASP C 12 0.48 -9.88 -24.22
CA ASP C 12 1.82 -10.48 -24.18
C ASP C 12 2.63 -9.89 -25.30
N LEU C 13 3.78 -9.31 -24.97
CA LEU C 13 4.64 -8.65 -25.93
C LEU C 13 6.03 -9.25 -25.90
N GLU C 14 6.57 -9.53 -27.08
CA GLU C 14 7.95 -9.92 -27.25
C GLU C 14 8.69 -8.84 -28.01
N MET C 15 9.89 -8.50 -27.56
CA MET C 15 10.65 -7.42 -28.16
C MET C 15 12.06 -7.87 -28.47
N THR C 16 12.74 -7.11 -29.33
CA THR C 16 14.13 -7.37 -29.66
C THR C 16 15.08 -7.05 -28.51
N GLY C 17 14.58 -6.42 -27.44
CA GLY C 17 15.41 -6.04 -26.30
C GLY C 17 14.63 -5.30 -25.24
N LEU C 18 15.31 -4.44 -24.46
CA LEU C 18 14.67 -3.70 -23.38
C LEU C 18 14.62 -2.20 -23.61
N ASP C 19 15.55 -1.65 -24.37
CA ASP C 19 15.63 -0.21 -24.61
C ASP C 19 14.67 0.18 -25.74
N PRO C 20 13.61 0.92 -25.42
CA PRO C 20 12.64 1.27 -26.48
C PRO C 20 13.19 2.24 -27.51
N GLU C 21 14.26 2.97 -27.21
CA GLU C 21 14.85 3.87 -28.19
C GLU C 21 15.62 3.12 -29.27
N LYS C 22 16.03 1.89 -28.99
CA LYS C 22 16.74 1.05 -29.94
C LYS C 22 15.95 -0.17 -30.38
N ASP C 23 15.17 -0.79 -29.50
CA ASP C 23 14.49 -2.04 -29.75
C ASP C 23 13.03 -1.83 -30.16
N ARG C 24 12.42 -2.90 -30.63
CA ARG C 24 11.07 -2.86 -31.21
C ARG C 24 10.29 -4.09 -30.82
N ILE C 25 8.99 -4.05 -31.11
CA ILE C 25 8.04 -5.14 -30.85
C ILE C 25 8.05 -6.09 -32.04
N ILE C 26 7.97 -7.39 -31.77
CA ILE C 26 8.01 -8.37 -32.85
C ILE C 26 6.85 -9.36 -32.73
N GLU C 27 6.21 -9.39 -31.57
CA GLU C 27 5.05 -10.26 -31.37
C GLU C 27 4.16 -9.67 -30.29
N MET C 28 2.84 -9.73 -30.52
CA MET C 28 1.85 -9.25 -29.57
C MET C 28 0.63 -10.14 -29.65
N ALA C 29 -0.10 -10.21 -28.54
CA ALA C 29 -1.34 -10.98 -28.45
C ALA C 29 -2.20 -10.39 -27.35
N THR C 30 -3.51 -10.56 -27.47
CA THR C 30 -4.47 -9.93 -26.57
C THR C 30 -5.55 -10.94 -26.15
N ILE C 31 -5.93 -10.88 -24.88
CA ILE C 31 -7.07 -11.64 -24.35
C ILE C 31 -7.85 -10.71 -23.44
N ILE C 32 -9.18 -10.76 -23.54
CA ILE C 32 -10.05 -9.89 -22.76
C ILE C 32 -10.91 -10.74 -21.85
N THR C 33 -10.82 -10.51 -20.54
CA THR C 33 -11.66 -11.12 -19.53
C THR C 33 -12.51 -10.04 -18.87
N ASP C 34 -13.38 -10.46 -17.95
CA ASP C 34 -14.19 -9.51 -17.20
C ASP C 34 -13.59 -9.32 -15.81
N GLY C 35 -14.38 -8.74 -14.90
CA GLY C 35 -13.87 -8.45 -13.57
C GLY C 35 -13.53 -9.69 -12.76
N ASP C 36 -14.21 -10.81 -13.03
CA ASP C 36 -13.97 -12.04 -12.28
C ASP C 36 -13.21 -13.08 -13.09
N LEU C 37 -12.49 -12.65 -14.12
CA LEU C 37 -11.45 -13.40 -14.82
C LEU C 37 -11.99 -14.48 -15.75
N ARG C 38 -13.30 -14.53 -16.00
CA ARG C 38 -13.82 -15.39 -17.06
C ARG C 38 -13.59 -14.70 -18.39
N THR C 39 -12.95 -15.41 -19.33
CA THR C 39 -12.47 -14.80 -20.55
C THR C 39 -13.64 -14.48 -21.49
N ILE C 40 -13.67 -13.25 -21.98
CA ILE C 40 -14.72 -12.84 -22.91
C ILE C 40 -14.38 -13.25 -24.33
N ALA C 41 -13.16 -13.00 -24.76
CA ALA C 41 -12.72 -13.37 -26.10
C ALA C 41 -11.20 -13.37 -26.17
N GLU C 42 -10.67 -14.19 -27.07
CA GLU C 42 -9.24 -14.24 -27.34
C GLU C 42 -8.93 -13.47 -28.61
N GLY C 43 -7.84 -12.70 -28.59
CA GLY C 43 -7.52 -11.81 -29.68
C GLY C 43 -6.49 -12.36 -30.64
N PRO C 44 -6.10 -11.56 -31.62
CA PRO C 44 -5.16 -12.03 -32.64
C PRO C 44 -3.74 -12.16 -32.10
N VAL C 45 -2.96 -13.01 -32.78
CA VAL C 45 -1.55 -13.22 -32.47
C VAL C 45 -0.77 -12.71 -33.67
N ILE C 46 -0.24 -11.51 -33.58
CA ILE C 46 0.41 -10.84 -34.70
C ILE C 46 1.92 -10.89 -34.52
N VAL C 47 2.64 -11.28 -35.58
CA VAL C 47 4.09 -11.21 -35.62
C VAL C 47 4.47 -10.03 -36.51
N ILE C 48 5.09 -9.02 -35.93
CA ILE C 48 5.43 -7.79 -36.64
C ILE C 48 6.78 -7.94 -37.30
N HIS C 49 6.87 -7.53 -38.55
CA HIS C 49 8.13 -7.62 -39.29
C HIS C 49 9.04 -6.46 -38.93
N GLN C 50 10.30 -6.77 -38.67
CA GLN C 50 11.34 -5.77 -38.49
C GLN C 50 12.48 -6.05 -39.46
N LYS C 51 13.26 -5.01 -39.74
CA LYS C 51 14.35 -5.14 -40.70
C LYS C 51 15.33 -6.23 -40.25
N GLN C 52 15.85 -6.97 -41.24
CA GLN C 52 16.81 -8.04 -40.94
C GLN C 52 18.06 -7.50 -40.25
N GLU C 53 18.37 -6.22 -40.43
CA GLU C 53 19.52 -5.64 -39.74
C GLU C 53 19.29 -5.56 -38.23
N LEU C 54 18.06 -5.25 -37.82
CA LEU C 54 17.77 -5.07 -36.39
C LEU C 54 17.89 -6.38 -35.63
N ILE C 55 17.50 -7.50 -36.26
CA ILE C 55 17.56 -8.79 -35.58
C ILE C 55 19.00 -9.23 -35.35
N ASP C 56 19.90 -8.90 -36.28
CA ASP C 56 21.30 -9.30 -36.16
C ASP C 56 22.01 -8.57 -35.02
N GLY C 57 21.45 -7.49 -34.52
CA GLY C 57 22.06 -6.72 -33.46
C GLY C 57 21.65 -7.09 -32.06
N MET C 58 20.74 -8.05 -31.89
CA MET C 58 20.30 -8.46 -30.57
C MET C 58 21.42 -9.18 -29.83
N ASP C 59 21.36 -9.12 -28.51
CA ASP C 59 22.39 -9.71 -27.66
C ASP C 59 22.26 -11.24 -27.67
N GLU C 60 23.15 -11.88 -26.90
CA GLU C 60 23.05 -13.33 -26.72
C GLU C 60 21.65 -13.74 -26.34
N TRP C 61 21.13 -13.13 -25.29
CA TRP C 61 19.93 -13.60 -24.61
C TRP C 61 18.74 -13.56 -25.53
N ASN C 62 18.47 -12.39 -26.10
CA ASN C 62 17.32 -12.25 -26.98
C ASN C 62 17.50 -13.05 -28.26
N THR C 63 18.73 -13.29 -28.70
CA THR C 63 18.95 -14.12 -29.88
C THR C 63 18.78 -15.60 -29.56
N ARG C 64 19.19 -16.03 -28.35
CA ARG C 64 19.03 -17.43 -27.98
C ARG C 64 17.56 -17.80 -27.84
N THR C 65 16.80 -17.00 -27.11
CA THR C 65 15.42 -17.37 -26.79
C THR C 65 14.48 -17.17 -27.96
N HIS C 66 14.68 -16.12 -28.77
CA HIS C 66 13.80 -15.89 -29.91
C HIS C 66 14.07 -16.85 -31.06
N ASN C 67 15.32 -17.33 -31.20
CA ASN C 67 15.58 -18.40 -32.16
C ASN C 67 15.10 -19.75 -31.64
N LYS C 68 15.04 -19.92 -30.32
CA LYS C 68 14.58 -21.17 -29.73
C LYS C 68 13.07 -21.35 -29.83
N THR C 69 12.31 -20.26 -29.99
CA THR C 69 10.86 -20.33 -30.12
C THR C 69 10.38 -20.21 -31.57
N GLY C 70 11.27 -19.91 -32.50
CA GLY C 70 10.89 -19.76 -33.89
C GLY C 70 10.31 -18.41 -34.25
N LEU C 71 10.41 -17.42 -33.36
CA LEU C 71 9.87 -16.10 -33.65
C LEU C 71 10.70 -15.40 -34.72
N VAL C 72 12.02 -15.62 -34.72
CA VAL C 72 12.89 -14.90 -35.67
C VAL C 72 12.52 -15.22 -37.10
N THR C 73 12.28 -16.51 -37.38
CA THR C 73 11.88 -16.90 -38.74
C THR C 73 10.49 -16.38 -39.07
N LYS C 74 9.61 -16.27 -38.08
CA LYS C 74 8.30 -15.69 -38.32
C LYS C 74 8.42 -14.21 -38.69
N VAL C 75 9.30 -13.49 -38.00
CA VAL C 75 9.51 -12.07 -38.31
C VAL C 75 10.09 -11.91 -39.71
N LYS C 76 10.99 -12.82 -40.11
CA LYS C 76 11.61 -12.71 -41.42
C LYS C 76 10.57 -12.77 -42.53
N THR C 77 9.61 -13.68 -42.42
CA THR C 77 8.61 -13.90 -43.45
C THR C 77 7.35 -13.07 -43.25
N SER C 78 7.25 -12.30 -42.18
CA SER C 78 6.08 -11.48 -41.95
C SER C 78 6.10 -10.24 -42.83
N ARG C 79 4.89 -9.87 -43.27
CA ARG C 79 4.55 -8.70 -44.08
C ARG C 79 3.77 -7.64 -43.30
N VAL C 80 3.61 -7.83 -41.98
CA VAL C 80 2.78 -6.95 -41.16
C VAL C 80 3.65 -5.84 -40.57
N THR C 81 3.20 -4.60 -40.74
CA THR C 81 3.89 -3.47 -40.15
C THR C 81 3.31 -3.16 -38.77
N GLU C 82 3.98 -2.28 -38.04
CA GLU C 82 3.58 -1.95 -36.69
C GLU C 82 2.22 -1.26 -36.67
N ARG C 83 2.02 -0.27 -37.55
CA ARG C 83 0.73 0.40 -37.63
C ARG C 83 -0.38 -0.57 -38.00
N GLN C 84 -0.07 -1.59 -38.81
CA GLN C 84 -1.09 -2.56 -39.17
C GLN C 84 -1.45 -3.46 -38.00
N ALA C 85 -0.45 -3.91 -37.25
CA ALA C 85 -0.72 -4.73 -36.08
C ALA C 85 -1.51 -3.97 -35.04
N GLU C 86 -1.30 -2.66 -34.95
CA GLU C 86 -2.02 -1.84 -33.98
C GLU C 86 -3.50 -1.76 -34.33
N ILE C 87 -3.82 -1.62 -35.62
CA ILE C 87 -5.21 -1.49 -36.04
C ILE C 87 -5.97 -2.79 -35.80
N GLU C 88 -5.38 -3.93 -36.17
CA GLU C 88 -6.05 -5.21 -35.96
C GLU C 88 -6.24 -5.51 -34.49
N THR C 89 -5.25 -5.18 -33.66
CA THR C 89 -5.40 -5.37 -32.22
C THR C 89 -6.41 -4.41 -31.64
N LEU C 90 -6.40 -3.14 -32.08
CA LEU C 90 -7.34 -2.17 -31.57
C LEU C 90 -8.76 -2.45 -32.06
N ASP C 91 -8.90 -2.98 -33.28
CA ASP C 91 -10.23 -3.38 -33.74
C ASP C 91 -10.81 -4.48 -32.86
N PHE C 92 -9.96 -5.39 -32.37
CA PHE C 92 -10.43 -6.43 -31.47
C PHE C 92 -10.80 -5.85 -30.12
N ILE C 93 -9.99 -4.92 -29.60
CA ILE C 93 -10.26 -4.35 -28.28
C ILE C 93 -11.52 -3.49 -28.31
N GLN C 94 -11.65 -2.66 -29.35
CA GLN C 94 -12.80 -1.76 -29.44
C GLN C 94 -14.12 -2.50 -29.50
N ARG C 95 -14.12 -3.77 -29.91
CA ARG C 95 -15.37 -4.52 -30.00
C ARG C 95 -15.87 -4.98 -28.63
N HIS C 96 -14.96 -5.19 -27.68
CA HIS C 96 -15.34 -5.72 -26.37
C HIS C 96 -15.17 -4.74 -25.23
N THR C 97 -14.60 -3.57 -25.46
CA THR C 97 -14.36 -2.60 -24.41
C THR C 97 -14.92 -1.25 -24.81
N LEU C 98 -15.08 -0.39 -23.81
CA LEU C 98 -15.32 1.03 -24.01
C LEU C 98 -14.01 1.79 -23.80
N LYS C 99 -13.95 3.00 -24.33
CA LYS C 99 -12.72 3.76 -24.28
C LYS C 99 -12.42 4.23 -22.85
N ASN C 100 -11.16 4.07 -22.44
CA ASN C 100 -10.66 4.51 -21.13
C ASN C 100 -11.44 3.85 -19.99
N ARG C 101 -11.75 2.57 -20.14
CA ARG C 101 -12.40 1.80 -19.10
C ARG C 101 -11.74 0.45 -18.83
N ALA C 102 -10.65 0.13 -19.51
CA ALA C 102 -10.01 -1.18 -19.41
C ALA C 102 -8.54 -1.02 -19.10
N PRO C 103 -8.06 -1.56 -17.98
CA PRO C 103 -6.62 -1.47 -17.67
C PRO C 103 -5.84 -2.64 -18.22
N LEU C 104 -4.51 -2.47 -18.22
CA LEU C 104 -3.61 -3.55 -18.63
C LEU C 104 -3.40 -4.53 -17.50
N CYS C 105 -3.14 -5.78 -17.86
CA CYS C 105 -2.93 -6.83 -16.87
C CYS C 105 -1.86 -7.80 -17.38
N GLY C 106 -1.06 -8.30 -16.46
CA GLY C 106 -0.03 -9.26 -16.79
C GLY C 106 1.11 -9.18 -15.79
N ASN C 107 2.24 -9.75 -16.19
CA ASN C 107 3.44 -9.75 -15.37
C ASN C 107 4.55 -8.86 -15.92
N SER C 108 4.40 -8.34 -17.14
CA SER C 108 5.37 -7.42 -17.71
C SER C 108 4.75 -6.04 -17.88
N ILE C 109 4.11 -5.54 -16.82
CA ILE C 109 3.26 -4.36 -16.94
C ILE C 109 4.09 -3.14 -17.36
N CYS C 110 5.09 -2.77 -16.57
CA CYS C 110 5.90 -1.61 -16.92
C CYS C 110 6.67 -1.84 -18.21
N GLN C 111 7.17 -3.06 -18.42
CA GLN C 111 7.95 -3.34 -19.61
C GLN C 111 7.11 -3.27 -20.86
N ASP C 112 5.87 -3.80 -20.81
CA ASP C 112 5.01 -3.73 -21.99
C ASP C 112 4.55 -2.31 -22.26
N ARG C 113 4.17 -1.57 -21.21
CA ARG C 113 3.59 -0.25 -21.40
C ARG C 113 4.60 0.79 -21.90
N ARG C 114 5.89 0.54 -21.74
CA ARG C 114 6.88 1.43 -22.35
C ARG C 114 6.79 1.37 -23.86
N PHE C 115 6.82 0.16 -24.41
CA PHE C 115 6.74 -0.03 -25.86
C PHE C 115 5.37 0.31 -26.40
N LEU C 116 4.31 0.08 -25.60
CA LEU C 116 2.97 0.44 -26.04
C LEU C 116 2.82 1.95 -26.19
N TYR C 117 3.30 2.70 -25.20
CA TYR C 117 3.15 4.16 -25.23
C TYR C 117 3.94 4.78 -26.38
N LYS C 118 5.08 4.20 -26.73
CA LYS C 118 5.93 4.80 -27.74
C LYS C 118 5.51 4.39 -29.14
N TYR C 119 5.31 3.08 -29.37
CA TYR C 119 5.15 2.55 -30.71
C TYR C 119 3.69 2.39 -31.14
N MET C 120 2.74 2.43 -30.21
CA MET C 120 1.31 2.31 -30.53
C MET C 120 0.53 3.33 -29.72
N PRO C 121 0.59 4.61 -30.11
CA PRO C 121 -0.07 5.64 -29.29
C PRO C 121 -1.57 5.56 -29.33
N GLU C 122 -2.17 5.15 -30.46
CA GLU C 122 -3.63 5.11 -30.53
C GLU C 122 -4.19 4.00 -29.66
N LEU C 123 -3.50 2.87 -29.59
CA LEU C 123 -3.92 1.81 -28.68
C LEU C 123 -3.76 2.23 -27.23
N SER C 124 -2.67 2.92 -26.91
CA SER C 124 -2.40 3.26 -25.51
C SER C 124 -3.37 4.30 -24.99
N GLU C 125 -3.90 5.17 -25.85
CA GLU C 125 -4.88 6.15 -25.40
C GLU C 125 -6.28 5.57 -25.29
N TRP C 126 -6.56 4.46 -25.98
CA TRP C 126 -7.84 3.79 -25.80
C TRP C 126 -7.88 2.99 -24.50
N LEU C 127 -6.75 2.45 -24.08
CA LEU C 127 -6.66 1.76 -22.80
C LEU C 127 -6.72 2.76 -21.65
N HIS C 128 -7.24 2.29 -20.51
CA HIS C 128 -7.21 3.11 -19.31
C HIS C 128 -5.78 3.17 -18.78
N TYR C 129 -5.48 4.24 -18.03
CA TYR C 129 -4.10 4.42 -17.59
C TYR C 129 -3.69 3.42 -16.52
N ARG C 130 -4.64 2.80 -15.82
CA ARG C 130 -4.29 1.95 -14.70
C ARG C 130 -3.83 0.57 -15.17
N ASN C 131 -3.28 -0.18 -14.23
CA ASN C 131 -2.76 -1.51 -14.50
C ASN C 131 -3.16 -2.43 -13.37
N VAL C 132 -3.07 -3.74 -13.63
CA VAL C 132 -3.20 -4.77 -12.61
C VAL C 132 -1.95 -5.63 -12.71
N ASP C 133 -0.97 -5.36 -11.85
CA ASP C 133 0.31 -6.07 -11.87
C ASP C 133 0.16 -7.37 -11.08
N VAL C 134 0.07 -8.49 -11.80
CA VAL C 134 0.00 -9.79 -11.14
C VAL C 134 1.24 -10.04 -10.31
N SER C 135 2.40 -9.54 -10.77
CA SER C 135 3.64 -9.75 -10.04
C SER C 135 3.62 -9.06 -8.68
N SER C 136 2.85 -7.98 -8.53
CA SER C 136 2.77 -7.29 -7.26
C SER C 136 2.05 -8.10 -6.20
N PHE C 137 1.19 -9.04 -6.61
CA PHE C 137 0.51 -9.90 -5.66
C PHE C 137 1.38 -11.06 -5.19
N LYS C 138 2.29 -11.53 -6.05
CA LYS C 138 3.20 -12.59 -5.67
C LYS C 138 4.23 -12.08 -4.66
N GLU C 139 4.71 -10.85 -4.83
CA GLU C 139 5.66 -10.29 -3.88
C GLU C 139 4.98 -9.96 -2.56
N VAL C 140 3.70 -9.59 -2.58
CA VAL C 140 2.96 -9.33 -1.35
C VAL C 140 2.69 -10.64 -0.63
N ALA C 141 2.33 -11.70 -1.38
CA ALA C 141 2.05 -12.99 -0.78
C ALA C 141 3.29 -13.60 -0.13
N ARG C 142 4.49 -13.19 -0.56
CA ARG C 142 5.70 -13.70 0.05
C ARG C 142 5.81 -13.29 1.51
N HIS C 143 5.28 -12.13 1.88
CA HIS C 143 5.40 -11.61 3.23
C HIS C 143 4.17 -11.88 4.08
N TRP C 144 2.97 -11.91 3.49
CA TRP C 144 1.74 -11.92 4.26
C TRP C 144 1.03 -13.26 4.28
N ALA C 145 1.17 -14.07 3.23
CA ALA C 145 0.55 -15.40 3.20
C ALA C 145 1.43 -16.35 2.38
N PRO C 146 2.61 -16.69 2.90
CA PRO C 146 3.49 -17.60 2.16
C PRO C 146 2.94 -19.01 2.04
N SER C 147 2.00 -19.40 2.90
CA SER C 147 1.43 -20.74 2.85
C SER C 147 0.64 -20.95 1.57
N ILE C 148 0.20 -19.87 0.93
CA ILE C 148 -0.63 -19.97 -0.27
C ILE C 148 0.19 -20.43 -1.46
N LEU C 149 1.45 -19.99 -1.54
CA LEU C 149 2.20 -20.07 -2.79
C LEU C 149 2.54 -21.50 -3.18
N SER C 150 2.63 -22.42 -2.20
CA SER C 150 2.99 -23.80 -2.55
C SER C 150 1.93 -24.46 -3.41
N GLY C 151 0.68 -24.00 -3.31
CA GLY C 151 -0.42 -24.58 -4.05
C GLY C 151 -0.58 -24.12 -5.48
N PHE C 152 0.37 -23.34 -6.01
CA PHE C 152 0.32 -22.92 -7.41
C PHE C 152 1.62 -23.28 -8.11
N GLU C 153 1.50 -23.86 -9.29
CA GLU C 153 2.65 -24.17 -10.13
C GLU C 153 2.41 -23.57 -11.51
N LYS C 154 3.24 -22.60 -11.91
CA LYS C 154 3.18 -22.08 -13.27
C LYS C 154 3.54 -23.19 -14.24
N ARG C 155 2.68 -23.39 -15.23
CA ARG C 155 2.85 -24.48 -16.17
C ARG C 155 3.63 -24.02 -17.40
N ALA C 156 4.12 -25.00 -18.17
CA ALA C 156 4.89 -24.68 -19.36
C ALA C 156 4.00 -23.93 -20.35
N SER C 157 4.59 -22.93 -21.01
CA SER C 157 3.87 -22.12 -21.98
C SER C 157 4.76 -21.85 -23.18
N HIS C 158 4.23 -22.12 -24.37
CA HIS C 158 5.01 -22.03 -25.60
C HIS C 158 4.47 -20.98 -26.57
N GLN C 159 3.16 -20.84 -26.69
CA GLN C 159 2.58 -19.81 -27.53
C GLN C 159 2.40 -18.51 -26.74
N ALA C 160 2.02 -17.47 -27.46
CA ALA C 160 1.76 -16.18 -26.82
C ALA C 160 0.46 -16.23 -26.02
N LEU C 161 -0.58 -16.87 -26.56
CA LEU C 161 -1.86 -16.93 -25.87
C LEU C 161 -1.76 -17.77 -24.60
N ASP C 162 -0.96 -18.84 -24.65
CA ASP C 162 -0.76 -19.67 -23.46
C ASP C 162 0.02 -18.93 -22.39
N ASP C 163 0.90 -18.01 -22.79
CA ASP C 163 1.57 -17.15 -21.82
C ASP C 163 0.57 -16.27 -21.10
N ILE C 164 -0.40 -15.71 -21.83
CA ILE C 164 -1.42 -14.86 -21.23
C ILE C 164 -2.31 -15.67 -20.29
N LYS C 165 -2.68 -16.88 -20.70
CA LYS C 165 -3.53 -17.72 -19.85
C LYS C 165 -2.86 -18.01 -18.52
N GLU C 166 -1.55 -18.32 -18.54
CA GLU C 166 -0.85 -18.65 -17.30
C GLU C 166 -0.78 -17.46 -16.35
N SER C 167 -0.82 -16.23 -16.89
CA SER C 167 -0.90 -15.06 -16.02
C SER C 167 -2.30 -14.89 -15.45
N ILE C 168 -3.33 -15.14 -16.26
CA ILE C 168 -4.70 -15.07 -15.77
C ILE C 168 -4.94 -16.13 -14.71
N GLU C 169 -4.44 -17.35 -14.94
CA GLU C 169 -4.57 -18.41 -13.94
C GLU C 169 -3.86 -18.05 -12.64
N GLU C 170 -2.73 -17.35 -12.75
CA GLU C 170 -2.02 -16.93 -11.55
C GLU C 170 -2.85 -15.96 -10.74
N LEU C 171 -3.59 -15.07 -11.41
CA LEU C 171 -4.45 -14.13 -10.70
C LEU C 171 -5.72 -14.80 -10.18
N ARG C 172 -6.24 -15.82 -10.88
CA ARG C 172 -7.33 -16.61 -10.33
C ARG C 172 -6.97 -17.15 -8.96
N TYR C 173 -5.76 -17.71 -8.85
CA TYR C 173 -5.33 -18.34 -7.61
C TYR C 173 -5.23 -17.31 -6.48
N TYR C 174 -4.70 -16.13 -6.77
CA TYR C 174 -4.68 -15.07 -5.78
C TYR C 174 -6.11 -14.63 -5.43
N ARG C 175 -7.01 -14.65 -6.42
CA ARG C 175 -8.39 -14.26 -6.17
C ARG C 175 -9.08 -15.24 -5.23
N ASN C 176 -8.92 -16.54 -5.48
CA ASN C 176 -9.63 -17.58 -4.75
C ASN C 176 -8.94 -18.00 -3.45
N ASN C 177 -7.72 -17.55 -3.21
CA ASN C 177 -6.96 -17.98 -2.04
C ASN C 177 -6.39 -16.84 -1.20
N LEU C 178 -6.15 -15.66 -1.79
CA LEU C 178 -5.50 -14.58 -1.08
C LEU C 178 -6.43 -13.44 -0.69
N ILE C 179 -7.58 -13.29 -1.34
CA ILE C 179 -8.39 -12.09 -1.21
C ILE C 179 -9.75 -12.42 -0.59
N LEU C 180 -10.55 -11.38 -0.31
CA LEU C 180 -11.76 -11.48 0.49
C LEU C 180 -12.88 -10.71 -0.19
N LEU C 181 -13.99 -11.40 -0.43
CA LEU C 181 -14.80 -11.04 -1.58
C LEU C 181 -16.15 -10.46 -1.14
N ASP C 182 -17.10 -10.38 -2.07
CA ASP C 182 -18.41 -9.78 -1.78
C ASP C 182 -18.27 -8.33 -1.30
MN MN D . 5.52 14.68 -3.40
MN MN E . -13.64 6.87 21.93
MN MN F . 5.70 -14.87 -24.98
#